data_6TIN
#
_entry.id   6TIN
#
_cell.length_a   95.894
_cell.length_b   63.934
_cell.length_c   87.668
_cell.angle_alpha   90.000
_cell.angle_beta   90.000
_cell.angle_gamma   90.000
#
_symmetry.space_group_name_H-M   'P 21 21 2'
#
loop_
_entity.id
_entity.type
_entity.pdbx_description
1 polymer 'Ferulic acid decarboxylase 1'
2 non-polymer 'MANGANESE (II) ION'
3 non-polymer 'POTASSIUM ION'
4 non-polymer 'FLAVIN MONONUCLEOTIDE'
5 non-polymer '1H-indole-2-carboxylic acid'
6 water water
#
_entity_poly.entity_id   1
_entity_poly.type   'polypeptide(L)'
_entity_poly.pdbx_seq_one_letter_code
;MSAQPAHLCFRSFVEALKVDNDLVEINTPIDPNLEAAAITRRVCETNDKAPLFNNLIGMKNGLFRILGAPGSLRKSSADR
YGRLARHLALPPTASMREILDKMLSASDMPPIPPTIVPTGPCKENSLDDSEFDLTELPVPLIHKSDGGKYIQTYGMHIVQ
SPDGTWTNWSIARAMVHDKNHLTGLVIPPQHIWQIHQMWKKEGRSDVPWALAFGVPPAAIMASSMPIPDGVTEAGYVGAM
TGSSLELVKCDTNDLYVPATSEIVLEGTLSISETGPEGPFGEMHGYIFPGDTHLGAKYKVNRITYRNNAIMPMSSCGRLT
DETHTMIGSLAAAEIRKLCQQNDLPITDAFAPFESQVTWVALRVDTEKLRAMKTTSEGFRKRVGDVVFNHKAGYTIHRLV
LVGDDIDVYEGKDVLWAFSTRCRPGMDETLFEDVRGFPLIPYMGHGNGPAHRGGKVVSDALMPTEYTTGRNWEAADFNQS
YPEDLKQKVLDNWTKMGFSNLEHHHHHH
;
_entity_poly.pdbx_strand_id   AAA
#
# COMPACT_ATOMS: atom_id res chain seq x y z
CA ALA A 3 -5.91 9.49 -24.62
C ALA A 3 -5.64 7.99 -24.42
N GLN A 4 -4.99 7.61 -23.30
CA GLN A 4 -4.45 6.25 -22.97
C GLN A 4 -5.29 5.54 -21.90
N PRO A 5 -5.10 4.23 -21.62
CA PRO A 5 -5.99 3.58 -20.64
C PRO A 5 -5.80 4.00 -19.16
N ALA A 6 -6.86 3.86 -18.37
CA ALA A 6 -6.86 4.35 -16.97
C ALA A 6 -5.70 3.75 -16.18
N HIS A 7 -5.42 2.45 -16.35
CA HIS A 7 -4.34 1.82 -15.53
C HIS A 7 -2.93 2.28 -15.92
N LEU A 8 -2.82 2.91 -17.07
CA LEU A 8 -1.54 3.39 -17.62
C LEU A 8 -1.39 4.92 -17.64
N CYS A 9 -2.37 5.67 -17.14
CA CYS A 9 -2.39 7.14 -17.26
C CYS A 9 -3.27 7.72 -16.16
N PHE A 10 -2.68 8.39 -15.20
CA PHE A 10 -3.42 8.89 -14.05
C PHE A 10 -4.52 9.84 -14.49
N ARG A 11 -4.31 10.68 -15.48
CA ARG A 11 -5.36 11.60 -15.91
C ARG A 11 -6.55 10.80 -16.36
N SER A 12 -6.34 9.68 -17.08
CA SER A 12 -7.46 8.84 -17.49
C SER A 12 -8.13 8.16 -16.32
N PHE A 13 -7.33 7.73 -15.33
CA PHE A 13 -7.85 7.15 -14.08
C PHE A 13 -8.79 8.15 -13.41
N VAL A 14 -8.45 9.41 -13.31
CA VAL A 14 -9.41 10.40 -12.73
C VAL A 14 -10.72 10.43 -13.54
N GLU A 15 -10.61 10.36 -14.85
N GLU A 15 -10.60 10.37 -14.86
CA GLU A 15 -11.84 10.40 -15.69
CA GLU A 15 -11.79 10.37 -15.76
C GLU A 15 -12.63 9.11 -15.42
C GLU A 15 -12.62 9.11 -15.44
N ALA A 16 -11.94 7.99 -15.20
CA ALA A 16 -12.60 6.73 -14.91
C ALA A 16 -13.42 6.84 -13.62
N LEU A 17 -12.84 7.43 -12.60
CA LEU A 17 -13.59 7.65 -11.34
C LEU A 17 -14.82 8.54 -11.61
N LYS A 18 -14.75 9.57 -12.43
N LYS A 18 -14.64 9.60 -12.40
CA LYS A 18 -15.95 10.38 -12.74
CA LYS A 18 -15.71 10.53 -12.82
C LYS A 18 -16.98 9.48 -13.40
C LYS A 18 -16.82 9.70 -13.50
N VAL A 19 -16.57 8.74 -14.43
N VAL A 19 -16.49 8.81 -14.44
CA VAL A 19 -17.51 7.92 -15.23
CA VAL A 19 -17.60 8.12 -15.18
C VAL A 19 -18.20 6.93 -14.28
C VAL A 19 -18.13 6.90 -14.36
N ASP A 20 -17.42 6.43 -13.33
CA ASP A 20 -17.97 5.47 -12.35
C ASP A 20 -18.90 6.15 -11.31
N ASN A 21 -19.12 7.45 -11.36
CA ASN A 21 -19.94 8.16 -10.36
C ASN A 21 -19.23 7.98 -8.99
N ASP A 22 -17.91 8.02 -9.00
CA ASP A 22 -17.07 7.77 -7.80
C ASP A 22 -16.13 8.94 -7.55
N LEU A 23 -16.46 10.12 -8.06
N LEU A 23 -16.55 10.15 -7.88
CA LEU A 23 -15.71 11.38 -7.93
CA LEU A 23 -15.70 11.34 -7.77
C LEU A 23 -16.65 12.51 -7.49
C LEU A 23 -16.55 12.59 -7.60
N VAL A 24 -16.19 13.36 -6.59
CA VAL A 24 -16.79 14.69 -6.33
C VAL A 24 -15.78 15.76 -6.73
N GLU A 25 -16.09 16.55 -7.76
CA GLU A 25 -15.23 17.67 -8.15
C GLU A 25 -15.63 18.90 -7.34
N ILE A 26 -14.70 19.42 -6.58
CA ILE A 26 -14.93 20.61 -5.74
C ILE A 26 -14.23 21.77 -6.43
N ASN A 27 -15.02 22.72 -6.96
CA ASN A 27 -14.50 23.75 -7.88
C ASN A 27 -14.40 25.10 -7.13
N THR A 28 -14.87 25.15 -5.89
CA THR A 28 -14.79 26.38 -5.00
C THR A 28 -13.48 26.28 -4.20
N PRO A 29 -13.00 27.40 -3.65
CA PRO A 29 -11.68 27.36 -3.01
C PRO A 29 -11.64 26.49 -1.78
N ILE A 30 -10.63 25.66 -1.73
CA ILE A 30 -10.39 24.71 -0.61
C ILE A 30 -8.97 24.96 -0.09
N ASP A 31 -8.80 25.03 1.23
CA ASP A 31 -7.48 25.31 1.85
C ASP A 31 -6.64 24.01 1.89
N PRO A 32 -5.42 23.98 1.37
CA PRO A 32 -4.56 22.82 1.60
C PRO A 32 -4.13 22.75 3.09
N ASN A 33 -4.23 23.83 3.83
CA ASN A 33 -3.99 23.76 5.29
C ASN A 33 -5.23 23.10 5.91
N LEU A 34 -5.11 21.81 6.12
CA LEU A 34 -6.09 20.91 6.80
C LEU A 34 -7.42 20.65 6.07
N GLU A 35 -8.02 21.62 5.37
CA GLU A 35 -9.36 21.42 4.87
C GLU A 35 -9.41 20.29 3.84
N ALA A 36 -8.53 20.28 2.84
CA ALA A 36 -8.56 19.23 1.84
C ALA A 36 -8.44 17.86 2.52
N ALA A 37 -7.49 17.76 3.46
CA ALA A 37 -7.24 16.47 4.13
C ALA A 37 -8.41 16.11 5.07
N ALA A 38 -9.09 17.09 5.67
CA ALA A 38 -10.21 16.73 6.54
C ALA A 38 -11.35 16.20 5.70
N ILE A 39 -11.65 16.80 4.55
CA ILE A 39 -12.65 16.26 3.62
C ILE A 39 -12.26 14.84 3.23
N THR A 40 -10.98 14.66 2.86
CA THR A 40 -10.49 13.36 2.44
C THR A 40 -10.63 12.33 3.57
N ARG A 41 -10.30 12.74 4.76
CA ARG A 41 -10.38 11.86 5.93
C ARG A 41 -11.81 11.40 6.17
N ARG A 42 -12.78 12.33 6.11
N ARG A 42 -12.78 12.30 6.07
CA ARG A 42 -14.20 12.00 6.26
CA ARG A 42 -14.17 11.90 6.26
C ARG A 42 -14.62 11.05 5.12
C ARG A 42 -14.65 11.03 5.10
N VAL A 43 -14.19 11.30 3.88
CA VAL A 43 -14.48 10.34 2.80
C VAL A 43 -13.98 8.93 3.16
N CYS A 44 -12.72 8.83 3.65
CA CYS A 44 -12.13 7.51 3.93
C CYS A 44 -12.88 6.80 5.07
N GLU A 45 -13.31 7.59 6.07
CA GLU A 45 -14.03 7.00 7.24
C GLU A 45 -15.46 6.60 6.88
N THR A 46 -16.00 7.03 5.74
CA THR A 46 -17.40 6.75 5.36
C THR A 46 -17.47 6.07 4.03
N ASN A 47 -16.35 5.76 3.39
CA ASN A 47 -16.35 5.10 2.05
C ASN A 47 -17.11 5.91 0.99
N ASP A 48 -16.94 7.23 1.07
CA ASP A 48 -17.62 8.09 0.05
C ASP A 48 -16.78 8.19 -1.22
N LYS A 49 -17.30 8.98 -2.15
CA LYS A 49 -16.62 9.24 -3.43
C LYS A 49 -15.31 10.00 -3.17
N ALA A 50 -14.35 9.78 -4.08
CA ALA A 50 -13.06 10.44 -4.00
C ALA A 50 -13.20 11.92 -4.34
N PRO A 51 -12.55 12.79 -3.53
CA PRO A 51 -12.61 14.23 -3.81
C PRO A 51 -11.50 14.71 -4.72
N LEU A 52 -11.88 15.53 -5.69
CA LEU A 52 -10.93 16.19 -6.59
C LEU A 52 -11.09 17.70 -6.32
N PHE A 53 -10.04 18.24 -5.76
CA PHE A 53 -9.94 19.67 -5.42
C PHE A 53 -9.35 20.40 -6.60
N ASN A 54 -10.22 21.05 -7.38
CA ASN A 54 -9.78 21.77 -8.57
C ASN A 54 -9.42 23.23 -8.31
N ASN A 55 -9.65 23.72 -7.08
CA ASN A 55 -9.47 25.11 -6.73
C ASN A 55 -8.81 25.19 -5.37
N LEU A 56 -7.53 24.93 -5.35
N LEU A 56 -7.51 24.84 -5.29
CA LEU A 56 -6.80 24.73 -4.11
CA LEU A 56 -6.75 24.84 -4.02
C LEU A 56 -6.18 26.11 -3.83
C LEU A 56 -6.18 26.22 -3.85
N ILE A 57 -6.40 26.71 -2.66
CA ILE A 57 -5.85 28.01 -2.26
C ILE A 57 -4.31 27.93 -2.21
N GLY A 58 -3.65 28.72 -3.06
CA GLY A 58 -2.19 28.63 -3.19
C GLY A 58 -1.74 28.02 -4.52
N MET A 59 -2.62 27.38 -5.31
N MET A 59 -2.63 27.43 -5.29
CA MET A 59 -2.24 26.86 -6.67
CA MET A 59 -2.22 27.03 -6.65
C MET A 59 -1.81 28.01 -7.59
C MET A 59 -1.58 28.23 -7.38
N LYS A 60 -0.59 27.92 -8.14
CA LYS A 60 0.08 29.00 -8.93
C LYS A 60 0.63 28.33 -10.20
N ASN A 61 0.37 28.86 -11.41
CA ASN A 61 1.07 28.42 -12.65
C ASN A 61 0.85 26.93 -12.90
N GLY A 62 -0.29 26.37 -12.48
CA GLY A 62 -0.65 24.98 -12.75
C GLY A 62 -0.22 24.02 -11.63
N LEU A 63 0.41 24.47 -10.55
CA LEU A 63 0.76 23.54 -9.47
C LEU A 63 -0.07 23.96 -8.26
N PHE A 64 -1.01 23.11 -7.81
CA PHE A 64 -1.50 21.89 -8.39
C PHE A 64 -2.92 21.73 -7.83
N ARG A 65 -3.69 20.84 -8.46
CA ARG A 65 -4.96 20.28 -7.94
C ARG A 65 -4.61 19.11 -7.04
N ILE A 66 -5.58 18.61 -6.25
CA ILE A 66 -5.36 17.41 -5.43
C ILE A 66 -6.51 16.41 -5.67
N LEU A 67 -6.20 15.14 -5.79
CA LEU A 67 -7.15 14.03 -5.73
C LEU A 67 -6.89 13.31 -4.42
N GLY A 68 -7.87 13.28 -3.55
CA GLY A 68 -7.80 12.51 -2.30
C GLY A 68 -8.35 11.13 -2.45
N ALA A 69 -7.98 10.24 -1.55
CA ALA A 69 -8.57 8.89 -1.41
C ALA A 69 -8.50 8.12 -2.73
N PRO A 70 -7.36 8.12 -3.44
CA PRO A 70 -7.31 7.40 -4.71
C PRO A 70 -7.49 5.89 -4.70
N GLY A 71 -7.15 5.26 -3.55
CA GLY A 71 -7.20 3.79 -3.43
C GLY A 71 -8.08 3.36 -2.26
N SER A 72 -9.00 4.22 -1.84
CA SER A 72 -9.89 3.88 -0.71
C SER A 72 -11.14 3.15 -1.21
N LEU A 73 -12.00 2.79 -0.25
CA LEU A 73 -13.13 1.90 -0.50
C LEU A 73 -14.37 2.65 -0.95
N ARG A 74 -15.12 1.95 -1.76
CA ARG A 74 -16.49 2.35 -2.10
C ARG A 74 -17.53 1.82 -1.08
N LYS A 75 -18.73 2.41 -1.05
CA LYS A 75 -19.70 2.08 0.00
C LYS A 75 -20.33 0.71 -0.29
N SER A 76 -20.61 0.45 -1.55
N SER A 76 -20.72 0.46 -1.53
CA SER A 76 -21.30 -0.78 -1.99
CA SER A 76 -21.46 -0.78 -1.87
C SER A 76 -20.40 -1.98 -1.74
C SER A 76 -20.50 -1.98 -1.84
N SER A 77 -20.99 -3.11 -1.35
CA SER A 77 -20.20 -4.36 -1.28
C SER A 77 -19.88 -4.81 -2.70
N ALA A 78 -20.74 -4.58 -3.69
CA ALA A 78 -20.53 -5.18 -5.02
C ALA A 78 -19.26 -4.60 -5.68
N ASP A 79 -18.98 -3.30 -5.48
CA ASP A 79 -17.79 -2.69 -6.10
C ASP A 79 -16.91 -2.07 -4.99
N ARG A 80 -16.91 -2.70 -3.81
CA ARG A 80 -16.07 -2.24 -2.65
C ARG A 80 -14.68 -1.78 -3.11
N TYR A 81 -14.00 -2.65 -3.87
CA TYR A 81 -12.59 -2.47 -4.24
C TYR A 81 -12.47 -1.88 -5.63
N GLY A 82 -13.52 -1.20 -6.12
CA GLY A 82 -13.50 -0.70 -7.50
C GLY A 82 -12.38 0.29 -7.78
N ARG A 83 -11.95 1.12 -6.81
N ARG A 83 -11.99 1.08 -6.77
CA ARG A 83 -10.82 2.02 -7.13
CA ARG A 83 -10.97 2.10 -7.01
C ARG A 83 -9.59 1.17 -7.43
C ARG A 83 -9.62 1.36 -7.22
N LEU A 84 -9.35 0.18 -6.60
CA LEU A 84 -8.15 -0.68 -6.85
C LEU A 84 -8.27 -1.39 -8.18
N ALA A 85 -9.45 -1.88 -8.52
CA ALA A 85 -9.67 -2.50 -9.83
C ALA A 85 -9.34 -1.50 -10.95
N ARG A 86 -9.73 -0.24 -10.78
CA ARG A 86 -9.42 0.77 -11.81
C ARG A 86 -7.94 1.08 -11.89
N HIS A 87 -7.11 0.71 -10.91
CA HIS A 87 -5.66 0.84 -11.06
C HIS A 87 -5.12 -0.23 -12.01
N LEU A 88 -5.92 -1.25 -12.38
CA LEU A 88 -5.33 -2.48 -12.94
C LEU A 88 -6.08 -3.00 -14.15
N ALA A 89 -7.05 -2.28 -14.67
CA ALA A 89 -7.85 -2.66 -15.84
C ALA A 89 -8.76 -3.83 -15.54
N LEU A 90 -9.03 -4.06 -14.26
CA LEU A 90 -9.99 -5.11 -13.86
C LEU A 90 -11.40 -4.53 -13.83
N PRO A 91 -12.42 -5.39 -13.99
CA PRO A 91 -13.76 -4.91 -13.75
C PRO A 91 -13.98 -4.34 -12.35
N PRO A 92 -14.83 -3.33 -12.18
CA PRO A 92 -14.93 -2.67 -10.87
C PRO A 92 -15.49 -3.57 -9.76
N THR A 93 -16.15 -4.69 -10.12
CA THR A 93 -16.67 -5.73 -9.22
C THR A 93 -15.63 -6.80 -8.88
N ALA A 94 -14.39 -6.56 -9.26
CA ALA A 94 -13.36 -7.56 -8.97
C ALA A 94 -13.23 -7.85 -7.47
N SER A 95 -13.01 -9.11 -7.14
CA SER A 95 -12.81 -9.48 -5.76
C SER A 95 -11.37 -9.18 -5.33
N MET A 96 -11.13 -9.14 -4.04
CA MET A 96 -9.79 -8.92 -3.54
C MET A 96 -8.88 -10.08 -4.03
N ARG A 97 -9.37 -11.31 -4.05
CA ARG A 97 -8.54 -12.43 -4.55
C ARG A 97 -8.08 -12.10 -5.96
N GLU A 98 -9.00 -11.64 -6.82
CA GLU A 98 -8.67 -11.30 -8.24
C GLU A 98 -7.67 -10.12 -8.28
N ILE A 99 -7.85 -9.09 -7.47
CA ILE A 99 -6.84 -8.00 -7.47
C ILE A 99 -5.47 -8.51 -7.03
N LEU A 100 -5.40 -9.29 -5.96
CA LEU A 100 -4.08 -9.77 -5.50
C LEU A 100 -3.52 -10.78 -6.50
N ASP A 101 -4.30 -11.65 -7.11
CA ASP A 101 -3.82 -12.55 -8.19
C ASP A 101 -3.24 -11.67 -9.29
N LYS A 102 -3.86 -10.60 -9.69
CA LYS A 102 -3.37 -9.74 -10.78
C LYS A 102 -2.01 -9.15 -10.38
N MET A 103 -1.90 -8.69 -9.15
CA MET A 103 -0.67 -8.13 -8.59
C MET A 103 0.46 -9.18 -8.49
N LEU A 104 0.14 -10.46 -8.32
CA LEU A 104 1.12 -11.53 -8.23
C LEU A 104 1.47 -12.14 -9.62
N SER A 105 0.69 -11.86 -10.65
CA SER A 105 0.73 -12.55 -11.94
C SER A 105 2.11 -12.44 -12.58
N ALA A 106 2.76 -11.31 -12.42
CA ALA A 106 4.06 -11.05 -13.07
C ALA A 106 5.19 -11.78 -12.38
N SER A 107 4.94 -12.37 -11.20
N SER A 107 4.97 -12.30 -11.18
CA SER A 107 6.03 -13.06 -10.47
CA SER A 107 6.09 -12.96 -10.48
C SER A 107 6.56 -14.30 -11.20
C SER A 107 6.72 -14.08 -11.34
N ASP A 108 5.83 -14.93 -12.10
N ASP A 108 5.87 -14.78 -12.09
CA ASP A 108 6.44 -16.01 -12.93
CA ASP A 108 6.23 -16.02 -12.85
C ASP A 108 6.20 -15.69 -14.39
C ASP A 108 6.63 -15.67 -14.29
N MET A 109 6.43 -14.43 -14.71
CA MET A 109 6.50 -14.03 -16.12
C MET A 109 7.83 -13.34 -16.39
N PRO A 110 8.38 -13.44 -17.60
CA PRO A 110 9.50 -12.58 -17.95
C PRO A 110 9.12 -11.11 -17.82
N PRO A 111 10.03 -10.30 -17.28
CA PRO A 111 9.77 -8.86 -17.23
C PRO A 111 9.58 -8.38 -18.66
N ILE A 112 8.77 -7.32 -18.77
CA ILE A 112 8.67 -6.51 -19.99
C ILE A 112 9.31 -5.16 -19.72
N PRO A 113 10.57 -4.97 -20.14
CA PRO A 113 11.24 -3.74 -19.78
C PRO A 113 10.57 -2.51 -20.41
N PRO A 114 10.78 -1.36 -19.79
CA PRO A 114 10.15 -0.14 -20.28
C PRO A 114 10.75 0.36 -21.62
N THR A 115 9.94 1.16 -22.27
CA THR A 115 10.28 1.79 -23.56
C THR A 115 10.59 3.25 -23.28
N ILE A 116 11.72 3.75 -23.79
CA ILE A 116 12.07 5.16 -23.68
C ILE A 116 11.42 5.88 -24.85
N VAL A 117 10.73 6.95 -24.55
CA VAL A 117 10.17 7.91 -25.53
C VAL A 117 10.79 9.26 -25.29
N PRO A 118 10.81 10.10 -26.33
CA PRO A 118 11.54 11.36 -26.25
C PRO A 118 10.85 12.49 -25.47
N THR A 119 9.52 12.38 -25.28
CA THR A 119 8.81 13.37 -24.47
C THR A 119 7.47 12.81 -23.99
N GLY A 120 6.78 13.58 -23.17
CA GLY A 120 5.46 13.19 -22.76
C GLY A 120 4.83 14.31 -21.98
N PRO A 121 3.56 14.09 -21.53
CA PRO A 121 2.85 15.16 -20.85
C PRO A 121 3.54 15.78 -19.62
N CYS A 122 4.34 14.95 -18.92
CA CYS A 122 5.11 15.44 -17.76
C CYS A 122 6.14 16.54 -18.09
N LYS A 123 6.38 16.80 -19.39
CA LYS A 123 7.33 17.80 -19.85
C LYS A 123 6.58 19.07 -20.28
N GLU A 124 5.27 19.14 -20.11
CA GLU A 124 4.51 20.30 -20.57
C GLU A 124 4.99 21.60 -19.93
N ASN A 125 5.40 21.56 -18.68
CA ASN A 125 5.90 22.74 -17.94
C ASN A 125 7.18 22.30 -17.20
N SER A 126 8.05 23.25 -16.95
CA SER A 126 9.20 23.02 -16.09
C SER A 126 9.53 24.28 -15.28
N LEU A 127 10.13 24.05 -14.14
CA LEU A 127 10.63 25.10 -13.27
C LEU A 127 12.04 24.69 -12.84
N ASP A 128 13.01 25.56 -13.11
CA ASP A 128 14.35 25.35 -12.57
C ASP A 128 14.44 25.83 -11.12
N ASP A 129 15.67 25.64 -10.63
N ASP A 129 15.62 25.62 -10.50
CA ASP A 129 16.21 25.94 -9.29
CA ASP A 129 16.03 26.02 -9.11
C ASP A 129 16.02 27.43 -8.92
C ASP A 129 15.58 27.47 -8.83
N SER A 130 15.65 28.32 -9.85
CA SER A 130 15.48 29.79 -9.61
C SER A 130 13.99 30.16 -9.71
N GLU A 131 13.15 29.21 -10.11
CA GLU A 131 11.73 29.49 -10.44
C GLU A 131 10.75 28.79 -9.53
N PHE A 132 11.16 27.84 -8.69
CA PHE A 132 10.18 27.26 -7.76
C PHE A 132 10.66 27.47 -6.34
N ASP A 133 9.70 27.36 -5.44
CA ASP A 133 9.90 27.34 -3.98
C ASP A 133 8.87 26.39 -3.40
N LEU A 134 9.32 25.29 -2.82
CA LEU A 134 8.39 24.25 -2.34
C LEU A 134 7.52 24.80 -1.22
N THR A 135 7.98 25.83 -0.51
CA THR A 135 7.16 26.43 0.58
C THR A 135 6.05 27.30 0.02
N GLU A 136 6.09 27.59 -1.27
CA GLU A 136 5.12 28.52 -1.92
C GLU A 136 4.08 27.69 -2.70
N LEU A 137 4.20 26.38 -2.78
CA LEU A 137 3.21 25.50 -3.37
C LEU A 137 2.11 25.13 -2.37
N PRO A 138 0.95 24.67 -2.87
CA PRO A 138 -0.17 24.38 -1.98
C PRO A 138 -0.08 22.97 -1.41
N VAL A 139 1.06 22.72 -0.77
CA VAL A 139 1.33 21.42 -0.12
C VAL A 139 0.42 21.32 1.09
N PRO A 140 -0.29 20.18 1.23
CA PRO A 140 -1.17 20.01 2.34
C PRO A 140 -0.48 19.89 3.70
N LEU A 141 -1.16 20.46 4.70
CA LEU A 141 -1.05 20.01 6.08
C LEU A 141 -2.14 18.95 6.29
N ILE A 142 -1.76 17.73 6.49
CA ILE A 142 -2.72 16.57 6.45
C ILE A 142 -3.41 16.35 7.80
N HIS A 143 -2.66 16.51 8.91
CA HIS A 143 -3.19 16.34 10.25
C HIS A 143 -2.70 17.54 11.04
N LYS A 144 -3.52 17.99 12.00
N LYS A 144 -3.52 18.05 11.99
CA LYS A 144 -3.25 19.28 12.68
CA LYS A 144 -3.16 19.36 12.62
C LYS A 144 -1.90 19.32 13.44
C LYS A 144 -1.81 19.32 13.36
N SER A 145 -1.40 18.16 13.94
CA SER A 145 -0.11 18.09 14.66
C SER A 145 1.03 17.59 13.77
N ASP A 146 0.84 17.46 12.48
CA ASP A 146 1.98 17.02 11.66
C ASP A 146 3.13 18.02 11.77
N GLY A 147 4.34 17.51 11.67
CA GLY A 147 5.54 18.29 11.81
C GLY A 147 5.98 18.94 10.52
N GLY A 148 5.14 18.86 9.49
CA GLY A 148 5.47 19.44 8.20
C GLY A 148 4.34 19.24 7.22
N LYS A 149 4.44 19.87 6.06
N LYS A 149 4.43 19.92 6.07
CA LYS A 149 3.45 19.69 4.99
CA LYS A 149 3.50 19.77 4.94
C LYS A 149 3.92 18.53 4.11
C LYS A 149 3.95 18.53 4.16
N TYR A 150 3.14 17.47 4.15
CA TYR A 150 3.53 16.18 3.53
C TYR A 150 3.08 16.25 2.10
N ILE A 151 4.00 16.74 1.25
CA ILE A 151 3.83 16.69 -0.24
C ILE A 151 3.75 15.30 -0.76
N GLN A 152 4.37 14.36 -0.06
CA GLN A 152 4.55 13.01 -0.61
C GLN A 152 3.89 11.99 0.26
N THR A 153 2.72 11.54 -0.15
CA THR A 153 2.00 10.44 0.42
C THR A 153 1.65 9.38 -0.63
N TYR A 154 1.60 9.74 -1.95
CA TYR A 154 1.15 8.79 -2.98
C TYR A 154 1.94 8.89 -4.29
N GLY A 155 3.08 9.53 -4.25
CA GLY A 155 4.02 9.52 -5.36
C GLY A 155 4.97 8.36 -5.24
N MET A 156 5.74 8.24 -6.33
N MET A 156 5.76 8.19 -6.29
CA MET A 156 6.74 7.17 -6.59
CA MET A 156 6.69 7.05 -6.35
C MET A 156 8.16 7.69 -6.50
C MET A 156 8.11 7.56 -6.51
N HIS A 157 8.93 7.20 -5.53
CA HIS A 157 10.36 7.51 -5.52
C HIS A 157 11.02 6.54 -6.51
N ILE A 158 11.98 7.10 -7.24
CA ILE A 158 12.79 6.35 -8.23
C ILE A 158 14.24 6.54 -7.84
N VAL A 159 14.84 5.39 -7.49
CA VAL A 159 16.29 5.32 -7.22
C VAL A 159 16.86 4.06 -7.86
N GLN A 160 18.13 4.12 -8.19
CA GLN A 160 18.78 3.05 -8.95
C GLN A 160 20.05 2.65 -8.22
N SER A 161 20.36 1.33 -8.26
CA SER A 161 21.60 0.86 -7.66
C SER A 161 22.83 1.51 -8.33
N PRO A 162 23.96 1.72 -7.63
CA PRO A 162 25.13 2.35 -8.24
C PRO A 162 25.50 1.69 -9.57
N ASP A 163 25.37 0.36 -9.66
CA ASP A 163 25.78 -0.41 -10.86
C ASP A 163 24.76 -0.34 -11.99
N GLY A 164 23.61 0.30 -11.77
CA GLY A 164 22.60 0.48 -12.82
C GLY A 164 21.65 -0.69 -12.98
N THR A 165 21.86 -1.82 -12.32
CA THR A 165 21.15 -3.08 -12.68
C THR A 165 19.75 -3.15 -12.08
N TRP A 166 19.48 -2.32 -11.06
CA TRP A 166 18.17 -2.40 -10.35
C TRP A 166 17.68 -0.96 -10.23
N THR A 167 16.47 -0.74 -10.74
CA THR A 167 15.77 0.56 -10.56
C THR A 167 14.50 0.25 -9.73
N ASN A 168 14.43 0.90 -8.57
CA ASN A 168 13.32 0.64 -7.64
C ASN A 168 12.31 1.79 -7.67
N TRP A 169 11.03 1.38 -7.67
CA TRP A 169 9.88 2.31 -7.52
C TRP A 169 9.18 1.97 -6.21
N SER A 170 9.01 2.97 -5.35
CA SER A 170 8.33 2.71 -4.06
C SER A 170 7.69 4.02 -3.56
N ILE A 171 6.72 3.82 -2.67
CA ILE A 171 6.13 4.94 -1.89
C ILE A 171 6.83 4.99 -0.51
N ALA A 172 7.29 6.18 -0.15
CA ALA A 172 7.73 6.49 1.21
C ALA A 172 7.44 7.96 1.45
N ARG A 173 7.01 8.29 2.64
CA ARG A 173 6.51 9.64 2.89
C ARG A 173 7.65 10.68 2.84
N ALA A 174 7.29 11.93 2.52
CA ALA A 174 8.24 13.03 2.61
C ALA A 174 7.48 14.33 2.81
N MET A 175 8.10 15.24 3.48
CA MET A 175 7.52 16.57 3.77
C MET A 175 8.50 17.65 3.30
N VAL A 176 7.99 18.85 3.13
CA VAL A 176 8.83 19.99 2.74
C VAL A 176 9.69 20.45 3.93
N HIS A 177 10.97 20.60 3.66
CA HIS A 177 11.93 21.12 4.66
C HIS A 177 12.19 22.62 4.40
N ASP A 178 12.43 22.98 3.14
CA ASP A 178 12.66 24.40 2.78
C ASP A 178 12.35 24.58 1.29
N LYS A 179 12.77 25.72 0.73
CA LYS A 179 12.40 26.01 -0.67
C LYS A 179 12.82 24.91 -1.63
N ASN A 180 13.88 24.16 -1.36
CA ASN A 180 14.37 23.20 -2.35
C ASN A 180 14.80 21.89 -1.70
N HIS A 181 14.23 21.54 -0.54
CA HIS A 181 14.50 20.23 0.08
C HIS A 181 13.24 19.65 0.70
N LEU A 182 13.20 18.32 0.70
CA LEU A 182 12.27 17.52 1.49
C LEU A 182 13.07 16.80 2.59
N THR A 183 12.33 16.34 3.61
CA THR A 183 12.85 15.27 4.48
C THR A 183 11.86 14.15 4.49
N GLY A 184 12.32 12.94 4.75
N GLY A 184 12.31 12.92 4.69
CA GLY A 184 11.37 11.82 4.83
CA GLY A 184 11.38 11.79 4.78
C GLY A 184 12.00 10.60 5.46
C GLY A 184 12.03 10.61 5.46
N LEU A 185 11.18 9.56 5.56
N LEU A 185 11.26 9.55 5.69
CA LEU A 185 11.48 8.28 6.18
CA LEU A 185 11.69 8.31 6.33
C LEU A 185 12.15 7.35 5.19
C LEU A 185 12.24 7.35 5.28
N VAL A 186 13.41 6.96 5.46
N VAL A 186 13.51 6.98 5.43
CA VAL A 186 14.15 5.95 4.66
CA VAL A 186 14.19 5.95 4.61
C VAL A 186 14.66 4.91 5.65
C VAL A 186 14.70 4.90 5.61
N ILE A 187 13.93 3.82 5.81
CA ILE A 187 14.18 2.89 6.92
C ILE A 187 14.37 1.46 6.39
N PRO A 188 15.17 0.66 7.11
CA PRO A 188 15.30 -0.75 6.77
C PRO A 188 14.02 -1.47 7.07
N PRO A 189 13.66 -2.48 6.27
CA PRO A 189 14.46 -3.07 5.17
C PRO A 189 14.02 -2.61 3.80
N GLN A 190 13.40 -1.43 3.74
CA GLN A 190 12.81 -0.97 2.48
C GLN A 190 13.86 -0.83 1.39
N HIS A 191 13.41 -1.00 0.15
CA HIS A 191 14.37 -0.94 -0.98
C HIS A 191 14.98 0.44 -1.14
N ILE A 192 14.21 1.49 -0.87
CA ILE A 192 14.84 2.81 -1.00
C ILE A 192 16.02 2.92 0.00
N TRP A 193 15.87 2.35 1.19
CA TRP A 193 16.95 2.28 2.16
C TRP A 193 18.08 1.35 1.72
N GLN A 194 17.77 0.17 1.17
CA GLN A 194 18.81 -0.75 0.67
C GLN A 194 19.65 -0.09 -0.41
N ILE A 195 18.99 0.59 -1.32
CA ILE A 195 19.74 1.32 -2.35
C ILE A 195 20.55 2.47 -1.80
N HIS A 196 19.96 3.24 -0.90
N HIS A 196 19.95 3.24 -0.88
CA HIS A 196 20.66 4.34 -0.24
CA HIS A 196 20.64 4.35 -0.18
C HIS A 196 21.98 3.81 0.37
C HIS A 196 21.95 3.85 0.43
N GLN A 197 21.90 2.64 1.02
CA GLN A 197 23.08 2.06 1.71
C GLN A 197 24.18 1.73 0.68
N MET A 198 23.75 1.29 -0.49
CA MET A 198 24.73 1.00 -1.52
C MET A 198 25.50 2.27 -1.89
N TRP A 199 24.78 3.36 -2.07
CA TRP A 199 25.44 4.61 -2.44
C TRP A 199 26.30 5.13 -1.29
N LYS A 200 25.83 5.01 -0.04
N LYS A 200 25.79 5.00 -0.05
CA LYS A 200 26.67 5.43 1.12
CA LYS A 200 26.59 5.39 1.15
C LYS A 200 27.97 4.65 1.17
C LYS A 200 27.93 4.65 1.16
N LYS A 201 27.91 3.33 0.97
CA LYS A 201 29.12 2.50 1.02
C LYS A 201 30.08 2.85 -0.12
N GLU A 202 29.59 3.21 -1.29
CA GLU A 202 30.41 3.68 -2.41
C GLU A 202 31.03 5.00 -1.99
N GLY A 203 30.25 5.90 -1.37
CA GLY A 203 30.81 7.11 -0.71
C GLY A 203 31.15 8.28 -1.59
N ARG A 204 30.89 8.18 -2.89
CA ARG A 204 31.36 9.13 -3.94
C ARG A 204 30.32 10.24 -4.17
N SER A 205 29.01 9.99 -4.15
N SER A 205 29.01 9.95 -4.07
CA SER A 205 28.05 11.06 -4.47
CA SER A 205 27.95 10.75 -4.74
C SER A 205 26.71 10.76 -3.82
C SER A 205 26.66 10.70 -3.90
N ASP A 206 25.92 11.80 -3.82
CA ASP A 206 24.53 11.68 -3.36
C ASP A 206 23.79 10.80 -4.37
N VAL A 207 22.61 10.33 -4.01
CA VAL A 207 21.90 9.37 -4.87
C VAL A 207 21.03 10.10 -5.88
N PRO A 208 21.27 9.88 -7.20
CA PRO A 208 20.38 10.46 -8.15
C PRO A 208 18.95 9.97 -7.82
N TRP A 209 18.00 10.87 -7.94
CA TRP A 209 16.63 10.62 -7.44
C TRP A 209 15.62 11.36 -8.28
N ALA A 210 14.43 10.78 -8.36
CA ALA A 210 13.24 11.49 -8.85
C ALA A 210 12.08 10.99 -8.00
N LEU A 211 11.05 11.84 -7.95
CA LEU A 211 9.78 11.52 -7.28
C LEU A 211 8.69 12.01 -8.22
N ALA A 212 7.93 11.02 -8.68
CA ALA A 212 6.87 11.24 -9.66
C ALA A 212 5.53 11.04 -9.01
N PHE A 213 4.68 12.02 -9.17
CA PHE A 213 3.31 12.01 -8.62
C PHE A 213 2.33 11.86 -9.75
N GLY A 214 1.24 11.17 -9.46
CA GLY A 214 0.27 10.87 -10.49
C GLY A 214 0.90 10.06 -11.58
N VAL A 215 1.55 8.96 -11.21
CA VAL A 215 2.10 7.98 -12.16
C VAL A 215 1.00 7.07 -12.62
N PRO A 216 1.28 6.21 -13.64
CA PRO A 216 0.36 5.17 -14.02
C PRO A 216 -0.16 4.41 -12.81
N PRO A 217 -1.46 4.25 -12.68
CA PRO A 217 -2.01 3.55 -11.53
C PRO A 217 -1.44 2.15 -11.36
N ALA A 218 -1.18 1.40 -12.41
CA ALA A 218 -0.59 0.06 -12.21
C ALA A 218 0.78 0.20 -11.55
N ALA A 219 1.55 1.24 -11.88
CA ALA A 219 2.87 1.51 -11.32
C ALA A 219 2.77 1.87 -9.82
N ILE A 220 1.78 2.68 -9.41
CA ILE A 220 1.70 3.03 -7.99
C ILE A 220 1.32 1.81 -7.16
N MET A 221 0.57 0.88 -7.73
N MET A 221 0.53 0.87 -7.74
CA MET A 221 0.27 -0.36 -6.98
CA MET A 221 0.19 -0.42 -7.05
C MET A 221 1.54 -1.18 -6.78
C MET A 221 1.49 -1.22 -6.79
N ALA A 222 2.35 -1.37 -7.82
CA ALA A 222 3.59 -2.13 -7.60
C ALA A 222 4.53 -1.33 -6.67
N SER A 223 4.50 -0.03 -6.70
CA SER A 223 5.30 0.81 -5.78
C SER A 223 5.00 0.49 -4.33
N SER A 224 3.77 0.12 -4.03
N SER A 224 3.77 0.10 -4.05
CA SER A 224 3.29 -0.20 -2.68
CA SER A 224 3.26 -0.19 -2.71
C SER A 224 3.44 -1.66 -2.31
C SER A 224 3.44 -1.64 -2.32
N MET A 225 3.98 -2.48 -3.20
CA MET A 225 4.10 -3.93 -3.00
C MET A 225 5.53 -4.35 -2.76
N PRO A 226 5.75 -5.28 -1.80
CA PRO A 226 7.14 -5.71 -1.55
C PRO A 226 7.52 -6.84 -2.51
N ILE A 227 7.64 -6.51 -3.79
CA ILE A 227 8.17 -7.49 -4.76
C ILE A 227 9.66 -7.67 -4.46
N PRO A 228 10.30 -8.75 -4.97
CA PRO A 228 11.58 -9.18 -4.41
C PRO A 228 12.74 -8.19 -4.64
N ASP A 229 13.70 -8.31 -3.73
CA ASP A 229 14.98 -7.58 -3.82
C ASP A 229 15.56 -7.70 -5.26
N GLY A 230 16.02 -6.59 -5.80
CA GLY A 230 16.69 -6.61 -7.11
C GLY A 230 15.81 -6.59 -8.30
N VAL A 231 14.47 -6.62 -8.10
CA VAL A 231 13.57 -6.65 -9.22
C VAL A 231 13.08 -5.20 -9.55
N THR A 232 13.30 -4.79 -10.79
CA THR A 232 12.92 -3.49 -11.26
C THR A 232 11.41 -3.49 -11.40
N GLU A 233 10.76 -2.63 -10.64
CA GLU A 233 9.28 -2.57 -10.65
C GLU A 233 8.76 -2.27 -12.06
N ALA A 234 9.46 -1.46 -12.84
CA ALA A 234 8.92 -1.14 -14.19
C ALA A 234 8.68 -2.36 -15.05
N GLY A 235 9.59 -3.33 -15.01
CA GLY A 235 9.41 -4.53 -15.86
C GLY A 235 8.38 -5.51 -15.31
N TYR A 236 8.14 -5.46 -13.99
CA TYR A 236 7.12 -6.27 -13.31
C TYR A 236 5.76 -5.70 -13.73
N VAL A 237 5.63 -4.35 -13.64
CA VAL A 237 4.39 -3.71 -14.09
C VAL A 237 4.16 -3.98 -15.57
N GLY A 238 5.22 -3.92 -16.41
CA GLY A 238 5.11 -4.27 -17.85
C GLY A 238 4.51 -5.66 -18.02
N ALA A 239 5.11 -6.65 -17.31
CA ALA A 239 4.61 -8.03 -17.41
C ALA A 239 3.15 -8.10 -16.92
N MET A 240 2.81 -7.47 -15.82
CA MET A 240 1.45 -7.62 -15.25
C MET A 240 0.39 -7.00 -16.16
N THR A 241 0.72 -5.90 -16.83
CA THR A 241 -0.19 -5.20 -17.74
C THR A 241 -0.07 -5.70 -19.18
N GLY A 242 0.91 -6.51 -19.50
CA GLY A 242 1.11 -7.00 -20.87
C GLY A 242 1.65 -5.94 -21.82
N SER A 243 2.11 -4.81 -21.30
CA SER A 243 2.57 -3.66 -22.09
C SER A 243 3.79 -3.01 -21.49
N SER A 244 4.77 -2.71 -22.34
CA SER A 244 5.96 -1.96 -21.91
C SER A 244 5.59 -0.53 -21.51
N LEU A 245 5.94 -0.09 -20.32
CA LEU A 245 5.66 1.27 -19.89
C LEU A 245 6.53 2.29 -20.58
N GLU A 246 5.95 3.38 -21.04
CA GLU A 246 6.69 4.47 -21.69
C GLU A 246 7.29 5.41 -20.63
N LEU A 247 8.57 5.60 -20.63
CA LEU A 247 9.32 6.47 -19.72
C LEU A 247 10.02 7.52 -20.52
N VAL A 248 10.20 8.68 -19.92
N VAL A 248 10.22 8.67 -19.92
CA VAL A 248 11.04 9.77 -20.46
CA VAL A 248 11.03 9.79 -20.48
C VAL A 248 12.20 10.02 -19.52
C VAL A 248 12.17 10.08 -19.53
N LYS A 249 13.31 10.46 -20.08
CA LYS A 249 14.45 10.81 -19.19
C LYS A 249 14.17 12.09 -18.42
N CYS A 250 14.61 12.11 -17.18
CA CYS A 250 14.68 13.36 -16.40
C CYS A 250 15.54 14.40 -17.16
N ASP A 251 15.32 15.68 -16.95
CA ASP A 251 16.19 16.72 -17.57
C ASP A 251 17.56 16.87 -16.90
N THR A 252 17.64 16.66 -15.58
CA THR A 252 18.85 16.99 -14.82
C THR A 252 19.62 15.74 -14.39
N ASN A 253 19.04 14.55 -14.63
CA ASN A 253 19.79 13.30 -14.31
C ASN A 253 19.34 12.25 -15.32
N ASP A 254 19.93 11.04 -15.25
CA ASP A 254 19.70 9.97 -16.23
C ASP A 254 18.67 8.94 -15.76
N LEU A 255 17.86 9.30 -14.76
CA LEU A 255 16.70 8.47 -14.39
C LEU A 255 15.58 8.69 -15.39
N TYR A 256 14.68 7.72 -15.42
CA TYR A 256 13.52 7.70 -16.32
C TYR A 256 12.22 7.66 -15.53
N VAL A 257 11.30 8.54 -15.89
CA VAL A 257 10.02 8.73 -15.17
C VAL A 257 8.90 8.42 -16.13
N PRO A 258 7.76 7.92 -15.62
CA PRO A 258 6.60 7.69 -16.53
C PRO A 258 6.26 8.93 -17.34
N ALA A 259 6.01 8.73 -18.65
CA ALA A 259 5.78 9.86 -19.57
C ALA A 259 4.57 10.70 -19.19
N THR A 260 3.55 10.05 -18.60
CA THR A 260 2.28 10.74 -18.26
C THR A 260 2.28 11.16 -16.77
N SER A 261 3.42 11.16 -16.06
CA SER A 261 3.43 11.62 -14.66
C SER A 261 2.85 13.03 -14.59
N GLU A 262 2.02 13.26 -13.56
CA GLU A 262 1.45 14.61 -13.33
C GLU A 262 2.53 15.65 -12.93
N ILE A 263 3.39 15.27 -11.99
CA ILE A 263 4.41 16.14 -11.40
C ILE A 263 5.63 15.29 -11.20
N VAL A 264 6.77 15.86 -11.57
CA VAL A 264 8.08 15.23 -11.37
C VAL A 264 9.06 16.15 -10.62
N LEU A 265 9.57 15.66 -9.48
CA LEU A 265 10.70 16.33 -8.82
C LEU A 265 11.96 15.58 -9.23
N GLU A 266 13.02 16.29 -9.58
CA GLU A 266 14.31 15.71 -9.91
C GLU A 266 15.31 16.25 -8.92
N GLY A 267 16.19 15.37 -8.45
CA GLY A 267 17.28 15.87 -7.58
C GLY A 267 18.09 14.76 -7.01
N THR A 268 18.40 14.90 -5.72
CA THR A 268 19.31 13.93 -5.08
C THR A 268 18.77 13.59 -3.68
N LEU A 269 18.99 12.33 -3.28
CA LEU A 269 18.83 11.88 -1.89
C LEU A 269 20.24 11.90 -1.28
N SER A 270 20.44 12.67 -0.24
CA SER A 270 21.80 12.84 0.33
C SER A 270 22.24 11.55 0.99
N ILE A 271 23.53 11.25 0.84
CA ILE A 271 24.20 10.17 1.58
C ILE A 271 24.79 10.72 2.89
N SER A 272 24.68 12.04 3.15
CA SER A 272 25.27 12.60 4.41
C SER A 272 24.30 13.46 5.23
N GLU A 273 23.37 14.18 4.62
CA GLU A 273 22.63 15.21 5.37
C GLU A 273 21.33 14.56 5.91
N THR A 274 20.79 15.17 6.95
CA THR A 274 19.49 14.84 7.55
C THR A 274 18.79 16.15 7.87
N GLY A 275 17.51 16.03 8.19
CA GLY A 275 16.77 17.18 8.71
C GLY A 275 15.58 16.66 9.50
N PRO A 276 14.95 17.57 10.24
CA PRO A 276 13.78 17.26 11.01
C PRO A 276 12.70 16.64 10.15
N GLU A 277 12.11 15.56 10.64
CA GLU A 277 11.06 14.84 9.95
C GLU A 277 10.01 14.36 10.96
N GLY A 278 8.75 14.53 10.58
CA GLY A 278 7.65 14.13 11.39
C GLY A 278 7.40 15.11 12.53
N PRO A 279 6.48 14.78 13.45
CA PRO A 279 5.68 13.58 13.36
C PRO A 279 4.58 13.67 12.27
N PHE A 280 3.96 12.55 12.06
CA PHE A 280 2.94 12.34 11.02
C PHE A 280 1.84 11.43 11.52
N GLY A 281 0.61 11.74 11.12
CA GLY A 281 -0.52 10.86 11.37
C GLY A 281 -0.47 9.65 10.47
N GLU A 282 -0.18 8.49 11.08
CA GLU A 282 0.29 7.30 10.39
C GLU A 282 -0.78 6.20 10.27
N MET A 283 -0.40 5.15 9.53
CA MET A 283 -1.33 4.11 9.06
C MET A 283 -2.05 3.40 10.21
N HIS A 284 -1.46 3.36 11.41
CA HIS A 284 -2.12 2.58 12.49
C HIS A 284 -3.14 3.49 13.21
N GLY A 285 -3.27 4.75 12.84
CA GLY A 285 -4.29 5.63 13.38
C GLY A 285 -3.85 6.62 14.41
N TYR A 286 -2.58 6.93 14.53
CA TYR A 286 -2.06 7.80 15.59
C TYR A 286 -1.12 8.87 15.04
N ILE A 287 -0.99 9.94 15.82
CA ILE A 287 0.18 10.85 15.75
C ILE A 287 0.61 11.08 17.19
N PHE A 288 1.92 11.13 17.42
CA PHE A 288 2.52 11.54 18.69
C PHE A 288 3.09 12.95 18.51
N PRO A 289 2.35 13.99 18.94
CA PRO A 289 2.78 15.35 18.67
C PRO A 289 4.15 15.63 19.22
N GLY A 290 4.91 16.43 18.52
CA GLY A 290 6.25 16.74 19.03
C GLY A 290 7.25 15.61 18.84
N ASP A 291 6.85 14.36 18.51
CA ASP A 291 7.82 13.28 18.24
C ASP A 291 8.53 13.55 16.91
N THR A 292 9.39 14.52 16.83
CA THR A 292 10.27 14.77 15.62
C THR A 292 11.63 14.03 15.75
N HIS A 293 12.09 13.48 14.64
CA HIS A 293 13.35 12.73 14.51
C HIS A 293 14.09 13.32 13.32
N LEU A 294 15.32 12.97 13.13
CA LEU A 294 16.07 13.28 11.92
C LEU A 294 15.74 12.27 10.83
N GLY A 295 15.40 12.79 9.66
CA GLY A 295 15.08 12.00 8.48
C GLY A 295 16.08 12.24 7.39
N ALA A 296 15.99 11.39 6.38
CA ALA A 296 16.75 11.59 5.15
C ALA A 296 16.37 12.93 4.50
N LYS A 297 17.31 13.48 3.78
CA LYS A 297 17.14 14.81 3.17
C LYS A 297 17.29 14.65 1.65
N TYR A 298 16.32 15.18 0.93
CA TYR A 298 16.25 15.20 -0.53
C TYR A 298 16.37 16.61 -1.04
N LYS A 299 17.25 16.80 -2.01
CA LYS A 299 17.40 18.11 -2.66
C LYS A 299 16.64 18.09 -3.99
N VAL A 300 15.85 19.11 -4.24
CA VAL A 300 15.08 19.23 -5.50
C VAL A 300 15.74 20.27 -6.41
N ASN A 301 16.10 19.85 -7.60
CA ASN A 301 16.81 20.69 -8.58
C ASN A 301 15.88 21.18 -9.70
N ARG A 302 14.78 20.47 -9.95
CA ARG A 302 13.87 20.75 -11.06
C ARG A 302 12.50 20.15 -10.78
N ILE A 303 11.52 20.87 -11.27
CA ILE A 303 10.13 20.36 -11.27
C ILE A 303 9.65 20.39 -12.69
N THR A 304 9.09 19.31 -13.14
CA THR A 304 8.36 19.27 -14.44
C THR A 304 6.93 18.84 -14.15
N TYR A 305 5.99 19.24 -14.99
CA TYR A 305 4.59 18.90 -14.72
C TYR A 305 3.66 19.06 -15.92
N ARG A 306 2.61 18.27 -15.88
CA ARG A 306 1.47 18.40 -16.80
C ARG A 306 0.74 19.72 -16.64
N ASN A 307 0.19 20.23 -17.74
CA ASN A 307 -0.81 21.31 -17.68
C ASN A 307 -1.92 20.86 -16.72
N ASN A 308 -2.33 21.72 -15.81
CA ASN A 308 -3.44 21.42 -14.85
C ASN A 308 -3.13 20.16 -14.00
N ALA A 309 -1.90 20.06 -13.59
CA ALA A 309 -1.40 18.90 -12.85
C ALA A 309 -2.25 18.63 -11.63
N ILE A 310 -2.39 17.33 -11.37
CA ILE A 310 -3.12 16.81 -10.17
C ILE A 310 -2.17 16.00 -9.28
N MET A 311 -2.11 16.37 -8.00
CA MET A 311 -1.29 15.65 -6.98
C MET A 311 -2.28 14.72 -6.29
N PRO A 312 -2.00 13.40 -6.26
CA PRO A 312 -2.71 12.48 -5.37
C PRO A 312 -2.20 12.57 -3.94
N MET A 313 -3.16 12.45 -3.01
CA MET A 313 -2.96 12.58 -1.54
C MET A 313 -3.69 11.45 -0.82
N SER A 314 -2.98 10.81 0.11
CA SER A 314 -3.55 9.89 1.09
C SER A 314 -3.69 10.64 2.41
N SER A 315 -4.89 10.75 2.93
CA SER A 315 -5.19 11.35 4.24
C SER A 315 -5.21 10.17 5.18
N CYS A 316 -4.07 9.73 5.67
N CYS A 316 -3.99 9.75 5.61
CA CYS A 316 -4.06 8.40 6.25
CA CYS A 316 -3.68 8.45 6.31
C CYS A 316 -4.28 8.47 7.77
C CYS A 316 -4.20 8.48 7.77
N GLY A 317 -4.68 7.32 8.28
CA GLY A 317 -4.98 7.23 9.69
C GLY A 317 -5.87 6.04 10.00
N ARG A 318 -6.91 6.31 10.75
CA ARG A 318 -7.90 5.29 11.02
C ARG A 318 -8.67 4.84 9.79
N LEU A 319 -9.22 3.64 9.87
CA LEU A 319 -9.84 2.98 8.71
C LEU A 319 -10.80 3.91 7.96
N THR A 320 -10.81 3.82 6.58
CA THR A 320 -10.03 2.93 5.74
C THR A 320 -9.41 3.80 4.62
N ASP A 321 -8.10 3.69 4.43
CA ASP A 321 -7.38 4.47 3.40
C ASP A 321 -6.37 3.55 2.69
N GLU A 322 -5.55 4.15 1.84
CA GLU A 322 -4.56 3.49 0.99
C GLU A 322 -3.56 2.71 1.86
N THR A 323 -3.31 3.21 3.07
CA THR A 323 -2.29 2.54 3.92
C THR A 323 -2.84 1.20 4.42
N HIS A 324 -4.12 0.96 4.30
CA HIS A 324 -4.78 -0.29 4.68
C HIS A 324 -5.04 -1.11 3.43
N THR A 325 -5.74 -0.52 2.47
CA THR A 325 -6.14 -1.28 1.29
C THR A 325 -4.96 -1.79 0.46
N MET A 326 -3.91 -0.96 0.37
CA MET A 326 -2.76 -1.31 -0.47
C MET A 326 -1.60 -1.85 0.35
N ILE A 327 -1.20 -1.16 1.46
CA ILE A 327 -0.06 -1.74 2.18
C ILE A 327 -0.38 -3.15 2.68
N GLY A 328 -1.49 -3.28 3.41
CA GLY A 328 -1.84 -4.55 4.02
C GLY A 328 -2.07 -5.60 2.95
N SER A 329 -2.92 -5.32 1.97
CA SER A 329 -3.37 -6.34 1.01
C SER A 329 -2.15 -6.79 0.21
N LEU A 330 -1.31 -5.83 -0.24
CA LEU A 330 -0.21 -6.22 -1.15
C LEU A 330 0.89 -6.98 -0.41
N ALA A 331 1.11 -6.65 0.87
CA ALA A 331 2.02 -7.45 1.74
C ALA A 331 1.43 -8.86 1.86
N ALA A 332 0.12 -8.97 2.17
CA ALA A 332 -0.49 -10.28 2.28
C ALA A 332 -0.31 -11.09 0.98
N ALA A 333 -0.49 -10.48 -0.18
CA ALA A 333 -0.31 -11.20 -1.44
C ALA A 333 1.10 -11.80 -1.54
N GLU A 334 2.11 -10.95 -1.26
CA GLU A 334 3.50 -11.40 -1.37
C GLU A 334 3.79 -12.49 -0.33
N ILE A 335 3.24 -12.39 0.87
CA ILE A 335 3.32 -13.42 1.90
C ILE A 335 2.73 -14.75 1.43
N ARG A 336 1.57 -14.67 0.79
CA ARG A 336 0.97 -15.89 0.25
C ARG A 336 1.94 -16.62 -0.67
N LYS A 337 2.48 -15.87 -1.63
CA LYS A 337 3.45 -16.44 -2.60
C LYS A 337 4.67 -17.01 -1.86
N LEU A 338 5.26 -16.21 -0.98
CA LEU A 338 6.42 -16.59 -0.17
C LEU A 338 6.16 -17.93 0.51
N CYS A 339 4.98 -18.08 1.12
CA CYS A 339 4.67 -19.32 1.82
C CYS A 339 4.66 -20.48 0.82
N GLN A 340 3.99 -20.32 -0.30
CA GLN A 340 3.85 -21.36 -1.32
C GLN A 340 5.23 -21.74 -1.87
N GLN A 341 6.13 -20.77 -2.06
CA GLN A 341 7.44 -21.06 -2.56
C GLN A 341 8.31 -21.80 -1.53
N ASN A 342 7.97 -21.70 -0.27
CA ASN A 342 8.63 -22.46 0.79
C ASN A 342 7.89 -23.78 1.10
N ASP A 343 7.04 -24.22 0.18
CA ASP A 343 6.33 -25.51 0.30
C ASP A 343 5.38 -25.53 1.50
N LEU A 344 4.85 -24.37 1.90
CA LEU A 344 3.82 -24.35 2.92
C LEU A 344 2.46 -24.33 2.25
N PRO A 345 1.47 -25.04 2.79
CA PRO A 345 0.18 -25.27 2.11
C PRO A 345 -0.83 -24.13 2.32
N ILE A 346 -0.41 -22.96 1.91
CA ILE A 346 -1.17 -21.74 2.09
C ILE A 346 -1.88 -21.48 0.76
N THR A 347 -3.19 -21.25 0.80
CA THR A 347 -4.03 -20.98 -0.38
C THR A 347 -4.30 -19.48 -0.56
N ASP A 348 -4.38 -18.73 0.50
CA ASP A 348 -4.91 -17.34 0.47
C ASP A 348 -4.30 -16.62 1.67
N ALA A 349 -4.16 -15.31 1.54
CA ALA A 349 -3.68 -14.48 2.64
C ALA A 349 -4.33 -13.11 2.49
N PHE A 350 -4.66 -12.49 3.64
CA PHE A 350 -5.22 -11.14 3.68
C PHE A 350 -4.91 -10.50 5.02
N ALA A 351 -4.71 -9.20 5.02
CA ALA A 351 -4.48 -8.47 6.29
C ALA A 351 -5.82 -7.87 6.72
N PRO A 352 -6.47 -8.42 7.77
CA PRO A 352 -7.79 -7.94 8.15
C PRO A 352 -7.80 -6.46 8.52
N PHE A 353 -8.72 -5.71 7.95
CA PHE A 353 -8.80 -4.28 8.28
C PHE A 353 -9.01 -4.08 9.79
N GLU A 354 -9.77 -4.96 10.42
CA GLU A 354 -10.09 -4.91 11.85
C GLU A 354 -8.80 -4.90 12.67
N SER A 355 -7.77 -5.56 12.18
CA SER A 355 -6.46 -5.63 12.85
C SER A 355 -5.59 -4.40 12.56
N GLN A 356 -6.16 -3.39 11.91
CA GLN A 356 -5.35 -2.22 11.52
C GLN A 356 -4.18 -2.71 10.63
N VAL A 357 -4.47 -3.71 9.79
CA VAL A 357 -3.54 -4.43 8.90
C VAL A 357 -2.21 -4.78 9.61
N THR A 358 -2.30 -5.14 10.87
CA THR A 358 -1.13 -5.66 11.57
C THR A 358 -1.16 -7.20 11.63
N TRP A 359 -2.30 -7.81 11.30
CA TRP A 359 -2.37 -9.29 11.24
C TRP A 359 -2.40 -9.68 9.76
N VAL A 360 -1.96 -10.88 9.45
CA VAL A 360 -2.34 -11.56 8.19
C VAL A 360 -2.93 -12.89 8.58
N ALA A 361 -4.09 -13.19 7.97
CA ALA A 361 -4.71 -14.51 8.07
C ALA A 361 -4.29 -15.34 6.87
N LEU A 362 -3.84 -16.54 7.20
CA LEU A 362 -3.30 -17.50 6.21
C LEU A 362 -4.24 -18.70 6.16
N ARG A 363 -4.91 -18.87 5.00
CA ARG A 363 -5.82 -20.01 4.79
C ARG A 363 -5.03 -21.24 4.40
N VAL A 364 -5.20 -22.34 5.08
CA VAL A 364 -4.41 -23.56 4.91
C VAL A 364 -5.23 -24.58 4.13
N ASP A 365 -4.58 -25.22 3.18
CA ASP A 365 -5.11 -26.40 2.51
C ASP A 365 -4.85 -27.55 3.47
N THR A 366 -5.88 -27.93 4.21
CA THR A 366 -5.70 -28.89 5.31
C THR A 366 -5.54 -30.31 4.80
N GLU A 367 -5.96 -30.63 3.59
CA GLU A 367 -5.62 -31.94 2.97
C GLU A 367 -4.09 -32.02 2.88
N LYS A 368 -3.47 -30.98 2.38
CA LYS A 368 -2.00 -30.99 2.31
C LYS A 368 -1.38 -31.00 3.69
N LEU A 369 -1.94 -30.21 4.60
CA LEU A 369 -1.41 -30.19 5.98
C LEU A 369 -1.44 -31.61 6.56
N ARG A 370 -2.54 -32.31 6.39
CA ARG A 370 -2.64 -33.68 6.95
C ARG A 370 -1.52 -34.55 6.43
N ALA A 371 -1.23 -34.42 5.14
CA ALA A 371 -0.19 -35.29 4.51
C ALA A 371 1.21 -35.00 5.09
N MET A 372 1.39 -33.82 5.67
CA MET A 372 2.67 -33.43 6.28
C MET A 372 2.92 -34.18 7.61
N LYS A 373 1.87 -34.66 8.28
CA LYS A 373 2.01 -35.39 9.52
C LYS A 373 2.85 -34.60 10.52
N THR A 374 2.40 -33.38 10.79
CA THR A 374 3.09 -32.45 11.67
C THR A 374 2.17 -32.06 12.81
N THR A 375 2.65 -31.08 13.56
CA THR A 375 1.96 -30.59 14.75
C THR A 375 1.88 -29.10 14.73
N SER A 376 1.04 -28.55 15.60
CA SER A 376 0.86 -27.08 15.67
C SER A 376 2.20 -26.42 15.98
N GLU A 377 2.89 -26.88 17.01
N GLU A 377 2.91 -26.87 17.01
CA GLU A 377 4.16 -26.24 17.45
CA GLU A 377 4.13 -26.13 17.41
C GLU A 377 5.11 -26.20 16.25
C GLU A 377 5.17 -26.20 16.29
N GLY A 378 5.26 -27.33 15.60
CA GLY A 378 6.20 -27.42 14.48
C GLY A 378 5.81 -26.51 13.34
N PHE A 379 4.55 -26.58 12.97
CA PHE A 379 4.06 -25.84 11.80
C PHE A 379 4.06 -24.33 12.03
N ARG A 380 3.69 -23.92 13.26
CA ARG A 380 3.71 -22.48 13.63
C ARG A 380 5.11 -21.92 13.51
N LYS A 381 6.07 -22.67 13.95
N LYS A 381 6.10 -22.65 13.97
CA LYS A 381 7.49 -22.29 13.91
CA LYS A 381 7.50 -22.20 13.90
C LYS A 381 7.95 -22.14 12.47
C LYS A 381 7.93 -22.09 12.44
N ARG A 382 7.59 -23.09 11.64
CA ARG A 382 8.05 -23.05 10.21
C ARG A 382 7.41 -21.81 9.53
N VAL A 383 6.11 -21.55 9.74
CA VAL A 383 5.43 -20.44 9.05
C VAL A 383 6.08 -19.16 9.57
N GLY A 384 6.22 -19.01 10.86
CA GLY A 384 6.77 -17.77 11.39
C GLY A 384 8.21 -17.55 10.92
N ASP A 385 9.04 -18.56 10.91
CA ASP A 385 10.44 -18.39 10.43
C ASP A 385 10.45 -17.90 8.96
N VAL A 386 9.60 -18.46 8.12
CA VAL A 386 9.58 -18.07 6.68
C VAL A 386 9.14 -16.63 6.62
N VAL A 387 8.06 -16.27 7.27
CA VAL A 387 7.46 -14.94 7.02
C VAL A 387 8.13 -13.81 7.81
N PHE A 388 8.44 -14.05 9.09
CA PHE A 388 8.98 -12.95 9.89
C PHE A 388 10.47 -12.71 9.66
N ASN A 389 11.17 -13.62 8.98
CA ASN A 389 12.56 -13.37 8.61
C ASN A 389 12.61 -12.76 7.21
N HIS A 390 11.48 -12.50 6.56
CA HIS A 390 11.53 -11.93 5.19
C HIS A 390 10.93 -10.51 5.21
N LYS A 391 11.42 -9.68 4.29
CA LYS A 391 10.91 -8.31 4.17
C LYS A 391 9.39 -8.24 3.90
N ALA A 392 8.82 -9.23 3.25
CA ALA A 392 7.38 -9.21 2.96
C ALA A 392 6.61 -9.27 4.31
N GLY A 393 7.20 -9.90 5.34
CA GLY A 393 6.57 -9.93 6.68
C GLY A 393 6.81 -8.73 7.56
N TYR A 394 7.56 -7.71 7.11
CA TYR A 394 8.01 -6.61 7.99
C TYR A 394 6.85 -5.98 8.77
N THR A 395 5.81 -5.57 8.06
CA THR A 395 4.73 -4.78 8.65
C THR A 395 3.78 -5.61 9.53
N ILE A 396 3.87 -6.92 9.47
CA ILE A 396 2.88 -7.86 10.03
C ILE A 396 3.44 -8.41 11.35
N HIS A 397 2.63 -8.21 12.42
CA HIS A 397 3.06 -8.69 13.73
C HIS A 397 2.32 -9.95 14.23
N ARG A 398 1.19 -10.29 13.64
N ARG A 398 1.19 -10.30 13.63
CA ARG A 398 0.48 -11.53 14.01
CA ARG A 398 0.46 -11.52 14.02
C ARG A 398 0.06 -12.26 12.73
C ARG A 398 -0.02 -12.29 12.79
N LEU A 399 0.41 -13.54 12.67
CA LEU A 399 -0.11 -14.40 11.65
C LEU A 399 -1.15 -15.31 12.27
N VAL A 400 -2.31 -15.44 11.64
CA VAL A 400 -3.40 -16.33 12.09
C VAL A 400 -3.55 -17.45 11.09
N LEU A 401 -3.30 -18.68 11.49
CA LEU A 401 -3.48 -19.84 10.58
C LEU A 401 -4.92 -20.33 10.72
N VAL A 402 -5.66 -20.45 9.64
CA VAL A 402 -7.04 -20.95 9.65
C VAL A 402 -7.22 -22.02 8.61
N GLY A 403 -8.14 -22.93 8.83
CA GLY A 403 -8.50 -23.97 7.83
C GLY A 403 -9.37 -23.50 6.68
N ASP A 404 -9.67 -24.51 5.84
CA ASP A 404 -10.28 -24.26 4.55
C ASP A 404 -11.67 -23.67 4.66
N ASP A 405 -12.32 -23.74 5.83
CA ASP A 405 -13.74 -23.26 5.91
C ASP A 405 -13.78 -21.74 6.05
N ILE A 406 -12.66 -21.08 6.35
CA ILE A 406 -12.61 -19.64 6.58
C ILE A 406 -12.18 -18.86 5.33
N ASP A 407 -12.98 -17.85 5.04
CA ASP A 407 -12.68 -16.87 3.97
C ASP A 407 -11.85 -15.78 4.64
N VAL A 408 -10.57 -15.75 4.36
CA VAL A 408 -9.67 -14.79 5.02
C VAL A 408 -9.90 -13.35 4.54
N TYR A 409 -10.68 -13.18 3.48
CA TYR A 409 -11.04 -11.82 3.01
C TYR A 409 -12.21 -11.28 3.82
N GLU A 410 -12.82 -12.11 4.70
CA GLU A 410 -13.97 -11.67 5.58
C GLU A 410 -13.48 -11.53 7.00
N GLY A 411 -13.24 -10.31 7.44
CA GLY A 411 -12.71 -10.06 8.78
C GLY A 411 -13.56 -10.65 9.89
N LYS A 412 -14.88 -10.72 9.71
CA LYS A 412 -15.80 -11.32 10.74
C LYS A 412 -15.39 -12.79 10.90
N ASP A 413 -15.09 -13.52 9.84
CA ASP A 413 -14.84 -14.98 9.90
C ASP A 413 -13.45 -15.25 10.46
N VAL A 414 -12.49 -14.35 10.13
CA VAL A 414 -11.13 -14.45 10.73
C VAL A 414 -11.24 -14.20 12.24
N LEU A 415 -12.00 -13.23 12.67
N LEU A 415 -12.00 -13.22 12.67
CA LEU A 415 -12.11 -12.91 14.11
CA LEU A 415 -12.08 -12.93 14.11
C LEU A 415 -12.81 -14.08 14.82
C LEU A 415 -12.81 -14.08 14.82
N TRP A 416 -13.83 -14.66 14.21
CA TRP A 416 -14.53 -15.80 14.78
C TRP A 416 -13.55 -16.96 14.97
N ALA A 417 -12.79 -17.29 13.92
CA ALA A 417 -11.87 -18.41 13.97
C ALA A 417 -10.76 -18.16 15.04
N PHE A 418 -10.16 -16.98 15.00
CA PHE A 418 -9.13 -16.57 15.98
C PHE A 418 -9.64 -16.76 17.42
N SER A 419 -10.82 -16.22 17.69
N SER A 419 -10.81 -16.20 17.72
CA SER A 419 -11.38 -16.11 19.04
CA SER A 419 -11.33 -16.12 19.09
C SER A 419 -11.80 -17.48 19.57
C SER A 419 -11.79 -17.49 19.58
N THR A 420 -12.10 -18.44 18.72
CA THR A 420 -12.70 -19.71 19.13
C THR A 420 -11.77 -20.91 18.91
N ARG A 421 -10.72 -20.81 18.06
CA ARG A 421 -9.90 -21.97 17.68
C ARG A 421 -8.46 -21.85 18.16
N CYS A 422 -7.99 -20.68 18.60
CA CYS A 422 -6.60 -20.45 19.04
C CYS A 422 -6.59 -20.23 20.57
N ARG A 423 -6.11 -21.25 21.30
CA ARG A 423 -5.98 -21.09 22.76
C ARG A 423 -4.83 -20.10 23.02
N PRO A 424 -5.09 -19.00 23.70
CA PRO A 424 -4.00 -18.04 24.05
C PRO A 424 -2.82 -18.75 24.71
N GLY A 425 -1.59 -18.41 24.26
CA GLY A 425 -0.37 -18.97 24.85
C GLY A 425 -0.05 -20.31 24.23
N MET A 426 -0.76 -21.37 24.59
CA MET A 426 -0.43 -22.74 24.13
C MET A 426 -0.46 -22.91 22.63
N ASP A 427 -1.39 -22.24 21.95
CA ASP A 427 -1.56 -22.38 20.48
C ASP A 427 -0.82 -21.26 19.73
N GLU A 428 0.11 -20.60 20.39
CA GLU A 428 0.83 -19.50 19.79
C GLU A 428 2.31 -19.64 20.02
N THR A 429 3.09 -19.12 19.06
CA THR A 429 4.55 -18.98 19.22
C THR A 429 5.00 -17.53 19.04
N LEU A 430 5.65 -16.98 20.06
CA LEU A 430 6.18 -15.63 20.08
C LEU A 430 7.58 -15.62 19.43
N PHE A 431 7.82 -14.60 18.64
CA PHE A 431 9.08 -14.34 17.92
C PHE A 431 9.68 -13.01 18.41
N GLU A 432 10.73 -13.08 19.23
CA GLU A 432 11.28 -11.87 19.80
C GLU A 432 12.56 -11.47 19.07
N ASP A 433 13.14 -12.34 18.24
CA ASP A 433 14.46 -12.08 17.58
C ASP A 433 14.22 -11.97 16.06
N VAL A 434 13.27 -11.16 15.68
CA VAL A 434 12.96 -10.82 14.30
C VAL A 434 12.76 -9.33 14.23
N ARG A 435 12.94 -8.79 13.02
CA ARG A 435 12.72 -7.34 12.90
C ARG A 435 11.24 -6.98 13.20
N GLY A 436 11.06 -5.94 14.02
CA GLY A 436 9.75 -5.35 14.33
C GLY A 436 9.47 -4.11 13.54
N PHE A 437 8.16 -3.80 13.45
CA PHE A 437 7.71 -2.61 12.70
C PHE A 437 7.52 -1.47 13.67
N PRO A 438 8.45 -0.48 13.72
CA PRO A 438 8.36 0.47 14.84
C PRO A 438 7.18 1.39 14.75
N LEU A 439 6.56 1.52 13.58
CA LEU A 439 5.40 2.42 13.40
C LEU A 439 4.20 1.98 14.25
N ILE A 440 4.10 0.71 14.55
CA ILE A 440 2.93 0.29 15.40
C ILE A 440 3.16 0.90 16.76
N PRO A 441 2.18 1.59 17.38
CA PRO A 441 2.43 2.28 18.65
C PRO A 441 3.05 1.39 19.73
N TYR A 442 2.57 0.13 19.81
CA TYR A 442 3.11 -0.77 20.87
C TYR A 442 4.56 -1.15 20.64
N MET A 443 5.14 -0.85 19.48
CA MET A 443 6.54 -1.02 19.16
C MET A 443 7.27 0.29 19.48
N GLY A 444 7.19 1.28 18.55
CA GLY A 444 7.99 2.50 18.71
C GLY A 444 7.71 3.36 19.93
N HIS A 445 6.45 3.28 20.44
CA HIS A 445 5.99 4.00 21.62
C HIS A 445 5.61 3.06 22.77
N GLY A 446 6.12 1.86 22.73
CA GLY A 446 5.74 0.82 23.71
C GLY A 446 6.80 0.54 24.77
N ASN A 447 6.60 -0.61 25.35
CA ASN A 447 7.34 -1.07 26.53
C ASN A 447 8.63 -1.79 26.21
N GLY A 448 8.84 -2.17 24.96
CA GLY A 448 10.00 -2.97 24.57
C GLY A 448 10.77 -2.33 23.43
N PRO A 449 11.73 -3.10 22.88
CA PRO A 449 12.56 -2.59 21.79
C PRO A 449 11.72 -2.16 20.59
N ALA A 450 11.97 -0.99 20.01
CA ALA A 450 11.12 -0.46 18.94
C ALA A 450 11.28 -1.30 17.67
N HIS A 451 12.47 -1.90 17.49
CA HIS A 451 12.85 -2.49 16.16
C HIS A 451 12.99 -4.00 16.21
N ARG A 452 12.57 -4.64 17.31
CA ARG A 452 12.83 -6.06 17.45
C ARG A 452 11.70 -6.75 18.17
N GLY A 453 11.25 -7.85 17.65
CA GLY A 453 10.32 -8.76 18.33
C GLY A 453 8.90 -8.21 18.32
N GLY A 454 8.09 -8.73 19.25
CA GLY A 454 6.67 -8.40 19.39
C GLY A 454 5.80 -9.10 18.32
N LYS A 455 6.31 -10.20 17.74
CA LYS A 455 5.56 -10.92 16.69
C LYS A 455 5.08 -12.27 17.20
N VAL A 456 4.05 -12.78 16.55
CA VAL A 456 3.38 -14.02 17.03
C VAL A 456 2.78 -14.79 15.88
N VAL A 457 2.84 -16.12 15.94
CA VAL A 457 1.97 -16.93 15.10
C VAL A 457 0.88 -17.55 15.94
N SER A 458 -0.36 -17.27 15.59
CA SER A 458 -1.56 -17.76 16.34
C SER A 458 -2.16 -18.86 15.50
N ASP A 459 -2.14 -20.09 16.02
CA ASP A 459 -2.69 -21.23 15.27
C ASP A 459 -4.18 -21.40 15.56
N ALA A 460 -5.05 -21.02 14.63
CA ALA A 460 -6.51 -21.23 14.76
C ALA A 460 -6.90 -22.47 13.92
N LEU A 461 -5.97 -23.38 13.61
CA LEU A 461 -6.33 -24.72 13.16
C LEU A 461 -6.69 -25.57 14.38
N MET A 462 -7.76 -26.31 14.26
CA MET A 462 -8.15 -27.26 15.31
C MET A 462 -7.34 -28.53 15.21
N PRO A 463 -7.27 -29.30 16.34
CA PRO A 463 -6.37 -30.45 16.36
C PRO A 463 -6.60 -31.50 15.27
N THR A 464 -7.85 -31.80 14.96
CA THR A 464 -8.09 -32.85 13.95
C THR A 464 -7.77 -32.35 12.56
N GLU A 465 -7.60 -31.04 12.36
CA GLU A 465 -7.17 -30.52 11.03
C GLU A 465 -5.79 -31.00 10.64
N TYR A 466 -5.00 -31.40 11.62
CA TYR A 466 -3.62 -31.93 11.39
C TYR A 466 -3.63 -33.44 11.17
N THR A 467 -4.76 -34.10 11.50
CA THR A 467 -4.79 -35.60 11.59
C THR A 467 -5.80 -36.17 10.56
N THR A 468 -7.06 -36.15 10.94
CA THR A 468 -8.10 -36.96 10.28
C THR A 468 -9.10 -36.08 9.55
N GLY A 469 -9.14 -34.81 9.86
CA GLY A 469 -10.10 -33.88 9.20
C GLY A 469 -10.98 -33.13 10.17
N ARG A 470 -11.54 -32.01 9.70
CA ARG A 470 -12.49 -31.21 10.48
C ARG A 470 -13.48 -32.18 11.16
N ASN A 471 -13.86 -31.91 12.41
CA ASN A 471 -14.73 -32.80 13.22
C ASN A 471 -15.92 -32.05 13.82
N TRP A 472 -16.22 -30.89 13.26
CA TRP A 472 -17.36 -30.04 13.63
C TRP A 472 -18.16 -29.67 12.38
N GLU A 473 -19.37 -29.16 12.65
CA GLU A 473 -20.20 -28.37 11.71
C GLU A 473 -20.43 -27.06 12.39
N ALA A 474 -20.49 -25.95 11.66
CA ALA A 474 -20.88 -24.67 12.26
C ALA A 474 -22.35 -24.71 12.68
N ALA A 475 -22.60 -24.05 13.81
CA ALA A 475 -23.95 -23.76 14.30
C ALA A 475 -24.41 -22.43 13.64
N ASP A 476 -24.60 -22.54 12.33
CA ASP A 476 -25.08 -21.43 11.53
C ASP A 476 -26.14 -21.93 10.57
N PHE A 477 -26.79 -20.97 9.91
CA PHE A 477 -27.86 -21.32 8.99
C PHE A 477 -27.33 -22.22 7.87
N ASN A 478 -26.13 -21.84 7.36
CA ASN A 478 -25.53 -22.62 6.24
C ASN A 478 -25.31 -24.11 6.59
N GLN A 479 -24.70 -24.38 7.76
CA GLN A 479 -24.21 -25.72 8.03
C GLN A 479 -25.09 -26.55 8.97
N SER A 480 -26.05 -25.93 9.64
N SER A 480 -26.03 -25.96 9.71
CA SER A 480 -26.77 -26.68 10.68
CA SER A 480 -26.78 -26.84 10.65
C SER A 480 -28.17 -27.11 10.18
C SER A 480 -28.17 -27.23 10.14
N TYR A 481 -28.49 -26.94 8.86
CA TYR A 481 -29.82 -27.27 8.28
C TYR A 481 -29.58 -27.91 6.93
N PRO A 482 -30.35 -28.92 6.54
CA PRO A 482 -30.19 -29.49 5.20
C PRO A 482 -30.53 -28.51 4.09
N GLU A 483 -30.04 -28.81 2.90
CA GLU A 483 -30.22 -27.93 1.74
C GLU A 483 -31.66 -27.66 1.41
N ASP A 484 -32.49 -28.69 1.44
N ASP A 484 -32.49 -28.69 1.38
CA ASP A 484 -33.91 -28.51 1.02
CA ASP A 484 -33.90 -28.51 0.97
C ASP A 484 -34.63 -27.56 1.98
C ASP A 484 -34.57 -27.53 1.96
N LEU A 485 -34.33 -27.68 3.27
CA LEU A 485 -34.95 -26.84 4.27
C LEU A 485 -34.51 -25.38 4.11
N LYS A 486 -33.23 -25.21 3.92
CA LYS A 486 -32.67 -23.88 3.78
C LYS A 486 -33.35 -23.22 2.59
N GLN A 487 -33.47 -23.96 1.49
CA GLN A 487 -34.09 -23.31 0.33
C GLN A 487 -35.56 -22.97 0.55
N LYS A 488 -36.25 -23.81 1.27
CA LYS A 488 -37.66 -23.56 1.61
C LYS A 488 -37.79 -22.28 2.43
N VAL A 489 -36.94 -22.18 3.43
CA VAL A 489 -36.90 -20.97 4.28
C VAL A 489 -36.63 -19.72 3.43
N LEU A 490 -35.61 -19.76 2.58
CA LEU A 490 -35.28 -18.59 1.72
C LEU A 490 -36.44 -18.29 0.75
N ASP A 491 -37.05 -19.31 0.19
CA ASP A 491 -38.16 -19.12 -0.78
C ASP A 491 -39.42 -18.54 -0.09
N ASN A 492 -39.60 -18.77 1.22
CA ASN A 492 -40.84 -18.35 1.91
C ASN A 492 -40.60 -17.08 2.75
N TRP A 493 -39.36 -16.56 2.74
CA TRP A 493 -38.91 -15.53 3.72
C TRP A 493 -39.82 -14.30 3.63
N THR A 494 -40.00 -13.73 2.45
CA THR A 494 -40.83 -12.50 2.38
C THR A 494 -42.36 -12.79 2.44
N LYS A 495 -42.86 -13.95 1.97
CA LYS A 495 -44.29 -14.40 2.13
C LYS A 495 -44.67 -14.46 3.60
N MET A 496 -43.72 -14.93 4.48
CA MET A 496 -43.90 -15.12 5.94
C MET A 496 -43.87 -13.76 6.63
N GLY A 497 -43.17 -12.76 6.10
CA GLY A 497 -43.16 -11.36 6.64
C GLY A 497 -41.80 -10.79 7.03
N PHE A 498 -40.69 -11.41 6.66
CA PHE A 498 -39.33 -10.96 7.01
C PHE A 498 -38.76 -10.08 5.88
N SER A 499 -37.55 -9.51 6.05
CA SER A 499 -37.04 -8.37 5.19
C SER A 499 -36.12 -8.89 4.09
#